data_6SAR
#
_entry.id   6SAR
#
_cell.length_a   53.120
_cell.length_b   77.020
_cell.length_c   124.600
_cell.angle_alpha   90.000
_cell.angle_beta   90.000
_cell.angle_gamma   90.000
#
_symmetry.space_group_name_H-M   'P 21 21 21'
#
loop_
_entity.id
_entity.type
_entity.pdbx_description
1 polymer 'Beta-barrel assembly-enhancing protease'
2 non-polymer 'ZINC ION'
3 non-polymer 'SULFATE ION'
4 water water
#
_entity_poly.entity_id   1
_entity_poly.type   'polypeptide(L)'
_entity_poly.pdbx_seq_one_letter_code
;MFRQLKKNLVATLIAAMTIGQVAPAFADSADTLPDMGTSAGSTLSIGQEMQMGDYYVRQLRGSAPLINDPLLTQYINSLG
MRLVSHANSVKTPFHFFLINNDEINAFAFFGGNVVLHSALFRYSDNESQLASVMAHEISHVTQRHLARAMEDQQRSAPLT
WVGALGSILLAMASPQAGMAALTGTLAGTRQGMISFTQQNEQEADRIGIQVLQRSGFDPQAMPTFLEKLLDQARYSSRPP
EILLTHPLPESRLADARNRANQMRPMVVQSSEDFYLAKARTLGMYNSGRNQLTSDLLDEWAKGNVRQQRAAQYGRALQAM
EANKYDEARKTLQPLLAAEPGNAWYLDLATDIDLGQNKANEAINRLKNARDLRTNPVLQLNLANAYLQGGQPQEAANILN
RYTFNNKDDSNGWDLLAQAEAALNNRDQELAARAEGYALAGRLDQAISLLSSASSQVKLGSLQQARYDARIDQLRQLQER
FKPYTKM
;
_entity_poly.pdbx_strand_id   A
#
loop_
_chem_comp.id
_chem_comp.type
_chem_comp.name
_chem_comp.formula
SO4 non-polymer 'SULFATE ION' 'O4 S -2'
ZN non-polymer 'ZINC ION' 'Zn 2'
#
# COMPACT_ATOMS: atom_id res chain seq x y z
N LEU A 44 -11.05 16.11 -22.53
CA LEU A 44 -11.70 14.80 -22.22
C LEU A 44 -12.60 14.92 -20.98
N SER A 45 -13.59 14.03 -20.89
CA SER A 45 -14.53 14.06 -19.77
C SER A 45 -13.94 13.42 -18.51
N ILE A 46 -14.70 13.46 -17.42
CA ILE A 46 -14.29 12.81 -16.17
C ILE A 46 -14.40 11.29 -16.30
N GLY A 47 -15.43 10.81 -17.00
CA GLY A 47 -15.58 9.38 -17.28
C GLY A 47 -14.50 8.84 -18.21
N GLN A 48 -14.04 9.66 -19.14
CA GLN A 48 -12.97 9.29 -20.06
C GLN A 48 -11.62 9.26 -19.31
N GLU A 49 -11.50 10.12 -18.30
CA GLU A 49 -10.33 10.14 -17.44
C GLU A 49 -10.27 8.89 -16.56
N MET A 50 -11.43 8.47 -16.06
CA MET A 50 -11.54 7.26 -15.25
C MET A 50 -11.11 6.03 -16.05
N GLN A 51 -11.54 5.98 -17.31
CA GLN A 51 -11.28 4.83 -18.16
C GLN A 51 -9.80 4.67 -18.48
N MET A 52 -9.17 5.75 -18.93
CA MET A 52 -7.74 5.76 -19.17
C MET A 52 -6.96 5.43 -17.89
N GLY A 53 -7.44 5.94 -16.76
CA GLY A 53 -6.84 5.67 -15.47
C GLY A 53 -6.88 4.20 -15.09
N ASP A 54 -8.01 3.56 -15.35
CA ASP A 54 -8.18 2.15 -15.07
C ASP A 54 -7.26 1.29 -15.94
N TYR A 55 -7.16 1.61 -17.24
CA TYR A 55 -6.20 0.95 -18.11
C TYR A 55 -4.79 0.99 -17.52
N TYR A 56 -4.35 2.17 -17.08
CA TYR A 56 -2.97 2.32 -16.59
C TYR A 56 -2.76 1.76 -15.18
N VAL A 57 -3.80 1.75 -14.36
CA VAL A 57 -3.71 1.07 -13.05
C VAL A 57 -3.46 -0.42 -13.24
N ARG A 58 -4.16 -1.00 -14.22
CA ARG A 58 -4.02 -2.41 -14.55
C ARG A 58 -2.62 -2.75 -15.08
N GLN A 59 -2.07 -1.90 -15.94
CA GLN A 59 -0.70 -2.10 -16.42
C GLN A 59 0.29 -2.00 -15.25
N LEU A 60 0.01 -1.09 -14.31
CA LEU A 60 0.84 -0.95 -13.11
C LEU A 60 0.83 -2.20 -12.24
N ARG A 61 -0.37 -2.76 -12.01
CA ARG A 61 -0.51 -3.96 -11.20
C ARG A 61 0.16 -5.18 -11.84
N GLY A 62 0.36 -5.15 -13.16
CA GLY A 62 1.09 -6.21 -13.85
C GLY A 62 2.61 -6.12 -13.71
N SER A 63 3.10 -5.15 -12.94
CA SER A 63 4.54 -4.87 -12.83
C SER A 63 5.11 -5.37 -11.50
N ALA A 64 6.31 -5.95 -11.55
CA ALA A 64 6.98 -6.52 -10.38
C ALA A 64 7.25 -5.51 -9.22
N PRO A 65 7.54 -4.22 -9.54
CA PRO A 65 7.82 -3.33 -8.42
C PRO A 65 6.63 -2.94 -7.53
N LEU A 66 5.39 -3.25 -7.92
CA LEU A 66 4.25 -2.83 -7.09
C LEU A 66 4.22 -3.59 -5.77
N ILE A 67 4.18 -2.85 -4.66
CA ILE A 67 4.11 -3.49 -3.34
C ILE A 67 2.64 -3.77 -3.00
N ASN A 68 2.31 -5.04 -2.78
CA ASN A 68 0.95 -5.47 -2.49
C ASN A 68 0.76 -5.95 -1.05
N ASP A 69 1.71 -5.64 -0.18
CA ASP A 69 1.61 -5.99 1.25
C ASP A 69 0.32 -5.44 1.88
N PRO A 70 -0.51 -6.31 2.48
CA PRO A 70 -1.77 -5.87 3.12
C PRO A 70 -1.60 -4.78 4.17
N LEU A 71 -0.60 -4.89 5.05
CA LEU A 71 -0.39 -3.86 6.07
C LEU A 71 0.02 -2.51 5.45
N LEU A 72 0.98 -2.53 4.55
CA LEU A 72 1.47 -1.30 3.90
C LEU A 72 0.40 -0.63 3.03
N THR A 73 -0.33 -1.44 2.26
CA THR A 73 -1.42 -0.95 1.42
C THR A 73 -2.51 -0.30 2.25
N GLN A 74 -2.85 -0.94 3.36
CA GLN A 74 -3.88 -0.40 4.24
C GLN A 74 -3.42 0.90 4.90
N TYR A 75 -2.16 0.95 5.36
CA TYR A 75 -1.64 2.17 5.98
C TYR A 75 -1.67 3.35 5.01
N ILE A 76 -1.09 3.16 3.84
CA ILE A 76 -0.94 4.23 2.87
C ILE A 76 -2.29 4.79 2.43
N ASN A 77 -3.26 3.91 2.19
CA ASN A 77 -4.58 4.36 1.75
C ASN A 77 -5.39 4.99 2.87
N SER A 78 -5.17 4.55 4.10
CA SER A 78 -5.80 5.18 5.24
C SER A 78 -5.24 6.60 5.41
N LEU A 79 -3.93 6.74 5.30
CA LEU A 79 -3.33 8.06 5.39
C LEU A 79 -3.79 8.95 4.21
N GLY A 80 -3.75 8.40 3.01
CA GLY A 80 -4.22 9.14 1.83
C GLY A 80 -5.66 9.60 1.93
N MET A 81 -6.53 8.71 2.40
CA MET A 81 -7.95 9.06 2.53
C MET A 81 -8.18 10.11 3.61
N ARG A 82 -7.37 10.08 4.66
CA ARG A 82 -7.43 11.13 5.66
C ARG A 82 -7.19 12.50 5.00
N LEU A 83 -6.15 12.59 4.19
CA LEU A 83 -5.82 13.85 3.51
C LEU A 83 -6.91 14.28 2.52
N VAL A 84 -7.42 13.32 1.74
CA VAL A 84 -8.43 13.58 0.74
C VAL A 84 -9.69 14.13 1.40
N SER A 85 -10.07 13.58 2.55
CA SER A 85 -11.23 14.06 3.31
CA SER A 85 -11.26 14.07 3.26
C SER A 85 -11.12 15.52 3.77
N HIS A 86 -9.92 16.10 3.66
CA HIS A 86 -9.73 17.51 4.05
C HIS A 86 -9.32 18.39 2.87
N ALA A 87 -9.47 17.87 1.65
CA ALA A 87 -9.13 18.62 0.44
C ALA A 87 -10.35 19.19 -0.26
N ASN A 88 -10.14 20.29 -0.98
CA ASN A 88 -11.16 20.91 -1.80
C ASN A 88 -11.11 20.40 -3.23
N SER A 89 -12.23 20.55 -3.93
CA SER A 89 -12.34 20.21 -5.36
C SER A 89 -11.97 18.76 -5.66
N VAL A 90 -12.34 17.85 -4.76
CA VAL A 90 -12.18 16.42 -5.02
C VAL A 90 -13.36 15.97 -5.90
N LYS A 91 -13.05 15.53 -7.12
CA LYS A 91 -14.07 15.13 -8.11
C LYS A 91 -14.01 13.65 -8.47
N THR A 92 -13.08 12.92 -7.88
CA THR A 92 -12.83 11.53 -8.22
C THR A 92 -12.42 10.75 -6.96
N PRO A 93 -12.61 9.42 -6.96
CA PRO A 93 -11.92 8.64 -5.93
C PRO A 93 -10.41 8.77 -6.06
N PHE A 94 -9.71 8.64 -4.94
CA PHE A 94 -8.27 8.59 -4.96
C PHE A 94 -7.84 7.19 -4.61
N HIS A 95 -6.75 6.72 -5.20
CA HIS A 95 -6.10 5.47 -4.81
CA HIS A 95 -6.10 5.52 -4.72
C HIS A 95 -4.59 5.73 -4.71
N PHE A 96 -3.94 5.16 -3.70
CA PHE A 96 -2.52 5.37 -3.49
C PHE A 96 -1.78 4.04 -3.61
N PHE A 97 -0.71 4.06 -4.39
CA PHE A 97 0.06 2.87 -4.69
C PHE A 97 1.47 3.09 -4.21
N LEU A 98 2.09 2.00 -3.75
CA LEU A 98 3.45 2.02 -3.28
C LEU A 98 4.27 1.12 -4.18
N ILE A 99 5.33 1.66 -4.78
CA ILE A 99 6.21 0.83 -5.58
C ILE A 99 7.58 0.72 -4.97
N ASN A 100 8.18 -0.46 -5.14
CA ASN A 100 9.51 -0.79 -4.63
C ASN A 100 10.55 -0.11 -5.51
N ASN A 101 11.07 1.01 -5.03
CA ASN A 101 12.01 1.82 -5.79
C ASN A 101 12.80 2.68 -4.81
N ASP A 102 14.12 2.55 -4.82
CA ASP A 102 14.98 3.24 -3.85
C ASP A 102 15.34 4.67 -4.22
N GLU A 103 14.76 5.19 -5.31
CA GLU A 103 14.85 6.61 -5.65
C GLU A 103 13.57 7.31 -5.23
N ILE A 104 13.71 8.41 -4.52
CA ILE A 104 12.54 9.14 -4.09
C ILE A 104 11.82 9.78 -5.29
N ASN A 105 10.54 9.48 -5.40
CA ASN A 105 9.66 10.14 -6.34
C ASN A 105 8.21 9.89 -5.98
N ALA A 106 7.34 10.67 -6.60
CA ALA A 106 5.91 10.52 -6.46
C ALA A 106 5.28 11.13 -7.69
N PHE A 107 4.22 10.52 -8.18
CA PHE A 107 3.51 11.09 -9.31
C PHE A 107 2.07 10.62 -9.30
N ALA A 108 1.29 11.21 -10.18
CA ALA A 108 -0.11 10.87 -10.29
C ALA A 108 -0.46 10.71 -11.75
N PHE A 109 -1.48 9.91 -12.04
CA PHE A 109 -2.02 9.86 -13.40
C PHE A 109 -3.53 9.80 -13.32
N PHE A 110 -4.17 9.92 -14.47
CA PHE A 110 -5.63 10.09 -14.55
C PHE A 110 -6.47 9.28 -13.54
N GLY A 111 -7.49 9.93 -12.99
CA GLY A 111 -8.47 9.28 -12.12
C GLY A 111 -8.08 9.20 -10.65
N GLY A 112 -7.28 10.17 -10.19
CA GLY A 112 -6.86 10.23 -8.78
C GLY A 112 -5.94 9.09 -8.35
N ASN A 113 -5.11 8.62 -9.25
CA ASN A 113 -4.17 7.53 -8.94
C ASN A 113 -2.79 8.07 -8.61
N VAL A 114 -2.40 7.92 -7.35
CA VAL A 114 -1.17 8.49 -6.84
C VAL A 114 -0.18 7.37 -6.57
N VAL A 115 1.00 7.46 -7.17
CA VAL A 115 2.05 6.48 -6.98
C VAL A 115 3.20 7.07 -6.19
N LEU A 116 3.62 6.35 -5.17
CA LEU A 116 4.65 6.77 -4.25
C LEU A 116 5.78 5.74 -4.27
N HIS A 117 7.02 6.18 -4.43
CA HIS A 117 8.17 5.28 -4.37
C HIS A 117 8.46 4.97 -2.90
N SER A 118 8.86 3.74 -2.63
CA SER A 118 9.09 3.30 -1.27
C SER A 118 10.23 4.06 -0.57
N ALA A 119 11.12 4.67 -1.34
CA ALA A 119 12.19 5.47 -0.80
C ALA A 119 11.68 6.66 0.03
N LEU A 120 10.43 7.03 -0.18
CA LEU A 120 9.76 8.06 0.60
C LEU A 120 9.80 7.76 2.12
N PHE A 121 9.70 6.48 2.48
CA PHE A 121 9.81 6.10 3.88
C PHE A 121 11.21 6.33 4.43
N ARG A 122 12.23 6.15 3.60
CA ARG A 122 13.61 6.41 4.01
C ARG A 122 13.85 7.91 4.26
N TYR A 123 13.27 8.77 3.43
CA TYR A 123 13.44 10.22 3.57
C TYR A 123 12.56 10.84 4.65
N SER A 124 11.40 10.24 4.92
CA SER A 124 10.45 10.81 5.88
C SER A 124 10.86 10.51 7.32
N ASP A 125 11.18 11.55 8.08
CA ASP A 125 11.56 11.38 9.47
C ASP A 125 10.36 11.20 10.36
N ASN A 126 9.23 11.77 9.95
CA ASN A 126 7.99 11.63 10.70
C ASN A 126 6.80 11.57 9.76
N GLU A 127 5.63 11.28 10.31
CA GLU A 127 4.44 11.03 9.51
C GLU A 127 3.97 12.27 8.75
N SER A 128 4.15 13.44 9.35
CA SER A 128 3.76 14.71 8.73
C SER A 128 4.57 14.97 7.46
N GLN A 129 5.85 14.58 7.47
CA GLN A 129 6.66 14.75 6.27
C GLN A 129 6.18 13.84 5.14
N LEU A 130 5.87 12.58 5.45
CA LEU A 130 5.32 11.65 4.44
C LEU A 130 4.02 12.21 3.88
N ALA A 131 3.17 12.68 4.78
CA ALA A 131 1.90 13.29 4.40
C ALA A 131 2.05 14.53 3.53
N SER A 132 3.12 15.31 3.72
CA SER A 132 3.31 16.54 2.95
C SER A 132 3.49 16.25 1.47
N VAL A 133 4.21 15.17 1.17
CA VAL A 133 4.40 14.73 -0.21
C VAL A 133 3.09 14.21 -0.81
N MET A 134 2.35 13.43 -0.04
CA MET A 134 1.04 12.95 -0.50
C MET A 134 0.06 14.10 -0.71
N ALA A 135 0.06 15.09 0.18
CA ALA A 135 -0.80 16.28 0.06
C ALA A 135 -0.44 17.11 -1.18
N HIS A 136 0.85 17.21 -1.45
CA HIS A 136 1.36 17.85 -2.64
C HIS A 136 0.81 17.19 -3.91
N GLU A 137 0.88 15.87 -3.96
CA GLU A 137 0.35 15.10 -5.10
C GLU A 137 -1.16 15.25 -5.26
N ILE A 138 -1.89 15.11 -4.16
CA ILE A 138 -3.34 15.30 -4.16
C ILE A 138 -3.69 16.68 -4.74
N SER A 139 -2.90 17.68 -4.37
CA SER A 139 -3.13 19.02 -4.85
C SER A 139 -2.84 19.18 -6.34
N HIS A 140 -1.83 18.48 -6.88
CA HIS A 140 -1.66 18.43 -8.34
C HIS A 140 -2.94 17.90 -9.00
N VAL A 141 -3.53 16.88 -8.39
CA VAL A 141 -4.72 16.28 -8.95
C VAL A 141 -5.91 17.24 -8.82
N THR A 142 -6.21 17.71 -7.62
CA THR A 142 -7.39 18.59 -7.43
C THR A 142 -7.32 19.85 -8.28
N GLN A 143 -6.11 20.36 -8.52
CA GLN A 143 -5.95 21.55 -9.37
C GLN A 143 -5.85 21.22 -10.87
N ARG A 144 -5.87 19.93 -11.22
CA ARG A 144 -5.89 19.49 -12.62
C ARG A 144 -4.65 19.95 -13.40
N HIS A 145 -3.47 19.79 -12.79
CA HIS A 145 -2.23 20.27 -13.40
C HIS A 145 -1.74 19.37 -14.54
N SER A 195 8.03 17.38 -16.49
CA SER A 195 7.98 17.99 -15.16
C SER A 195 7.00 19.16 -15.09
N PHE A 196 6.75 19.67 -13.89
CA PHE A 196 5.79 20.77 -13.66
C PHE A 196 6.46 22.15 -13.64
N THR A 197 5.70 23.16 -14.02
CA THR A 197 6.18 24.55 -14.03
C THR A 197 6.34 25.09 -12.61
N GLN A 198 7.07 26.19 -12.51
CA GLN A 198 7.29 26.89 -11.25
C GLN A 198 5.96 27.25 -10.56
N GLN A 199 4.97 27.64 -11.35
CA GLN A 199 3.67 28.08 -10.84
C GLN A 199 2.85 26.89 -10.29
N ASN A 200 2.88 25.76 -11.01
CA ASN A 200 2.21 24.55 -10.56
C ASN A 200 2.79 24.03 -9.25
N GLU A 201 4.12 24.06 -9.12
CA GLU A 201 4.78 23.63 -7.89
C GLU A 201 4.40 24.51 -6.70
N GLN A 202 4.41 25.82 -6.90
CA GLN A 202 4.03 26.76 -5.86
CA GLN A 202 4.03 26.76 -5.86
C GLN A 202 2.58 26.52 -5.43
N GLU A 203 1.68 26.42 -6.39
CA GLU A 203 0.27 26.15 -6.08
C GLU A 203 0.06 24.84 -5.32
N ALA A 204 0.75 23.78 -5.73
CA ALA A 204 0.60 22.48 -5.08
C ALA A 204 1.10 22.50 -3.62
N ASP A 205 2.17 23.26 -3.39
CA ASP A 205 2.71 23.50 -2.05
C ASP A 205 1.73 24.29 -1.17
N ARG A 206 1.16 25.36 -1.72
CA ARG A 206 0.24 26.21 -0.98
C ARG A 206 -1.07 25.52 -0.62
N ILE A 207 -1.68 24.86 -1.61
CA ILE A 207 -2.90 24.07 -1.37
C ILE A 207 -2.57 22.89 -0.44
N GLY A 208 -1.45 22.22 -0.70
CA GLY A 208 -1.06 21.03 0.03
C GLY A 208 -0.82 21.27 1.51
N ILE A 209 -0.20 22.40 1.83
CA ILE A 209 0.09 22.73 3.22
C ILE A 209 -1.20 22.98 4.01
N GLN A 210 -2.22 23.55 3.36
CA GLN A 210 -3.54 23.71 3.99
C GLN A 210 -4.22 22.37 4.27
N VAL A 211 -4.16 21.44 3.32
CA VAL A 211 -4.69 20.08 3.52
C VAL A 211 -3.96 19.38 4.68
N LEU A 212 -2.64 19.50 4.70
CA LEU A 212 -1.80 19.01 5.81
C LEU A 212 -2.30 19.51 7.14
N GLN A 213 -2.47 20.83 7.24
CA GLN A 213 -2.91 21.46 8.48
C GLN A 213 -4.33 21.07 8.89
N ARG A 214 -5.27 21.08 7.94
CA ARG A 214 -6.64 20.65 8.22
C ARG A 214 -6.71 19.17 8.65
N SER A 215 -5.81 18.34 8.13
CA SER A 215 -5.79 16.94 8.51
C SER A 215 -5.07 16.65 9.85
N GLY A 216 -4.58 17.68 10.53
CA GLY A 216 -3.95 17.50 11.86
C GLY A 216 -2.47 17.17 11.83
N PHE A 217 -1.81 17.47 10.71
CA PHE A 217 -0.35 17.30 10.63
C PHE A 217 0.37 18.63 10.83
N ASP A 218 1.67 18.55 11.10
CA ASP A 218 2.51 19.73 11.33
C ASP A 218 2.86 20.42 10.00
N PRO A 219 2.41 21.67 9.79
CA PRO A 219 2.75 22.39 8.56
C PRO A 219 4.26 22.55 8.32
N GLN A 220 5.05 22.65 9.40
CA GLN A 220 6.51 22.77 9.30
C GLN A 220 7.18 21.56 8.67
N ALA A 221 6.49 20.42 8.65
CA ALA A 221 7.04 19.24 7.99
C ALA A 221 7.28 19.49 6.50
N MET A 222 6.47 20.33 5.88
CA MET A 222 6.63 20.55 4.44
C MET A 222 7.96 21.24 4.10
N PRO A 223 8.22 22.45 4.65
CA PRO A 223 9.52 23.04 4.35
C PRO A 223 10.70 22.21 4.88
N THR A 224 10.51 21.55 6.01
CA THR A 224 11.58 20.73 6.58
C THR A 224 11.93 19.59 5.62
N PHE A 225 10.91 18.96 5.05
CA PHE A 225 11.15 17.93 4.07
C PHE A 225 11.87 18.46 2.82
N LEU A 226 11.45 19.62 2.32
CA LEU A 226 12.05 20.20 1.12
C LEU A 226 13.51 20.59 1.35
N GLU A 227 13.78 21.16 2.51
CA GLU A 227 15.14 21.55 2.89
C GLU A 227 16.06 20.33 2.89
N LYS A 228 15.54 19.21 3.38
CA LYS A 228 16.26 17.95 3.34
C LYS A 228 16.60 17.53 1.91
N LEU A 229 15.64 17.64 1.00
CA LEU A 229 15.89 17.33 -0.41
C LEU A 229 16.98 18.24 -1.00
N LEU A 230 16.91 19.53 -0.72
CA LEU A 230 17.91 20.48 -1.24
C LEU A 230 19.28 20.25 -0.63
N ASP A 231 19.32 19.94 0.67
CA ASP A 231 20.58 19.62 1.34
C ASP A 231 21.26 18.39 0.74
N GLN A 232 20.48 17.36 0.43
CA GLN A 232 21.07 16.19 -0.22
C GLN A 232 21.57 16.53 -1.64
N ALA A 233 20.75 17.22 -2.41
CA ALA A 233 21.14 17.65 -3.75
C ALA A 233 22.40 18.52 -3.72
N ARG A 234 22.51 19.41 -2.74
CA ARG A 234 23.60 20.39 -2.70
C ARG A 234 24.98 19.72 -2.64
N TYR A 235 25.09 18.55 -2.02
CA TYR A 235 26.39 17.89 -1.93
C TYR A 235 26.52 16.53 -2.61
N SER A 236 25.47 16.06 -3.26
CA SER A 236 25.55 14.84 -4.07
C SER A 236 26.02 15.14 -5.49
N SER A 237 26.38 14.10 -6.21
CA SER A 237 26.76 14.23 -7.62
C SER A 237 25.56 14.39 -8.54
N ARG A 238 24.36 14.16 -8.01
CA ARG A 238 23.13 14.33 -8.76
C ARG A 238 21.96 14.55 -7.83
N PRO A 239 20.92 15.22 -8.32
CA PRO A 239 19.76 15.47 -7.47
C PRO A 239 18.87 14.23 -7.26
N PRO A 240 18.11 14.21 -6.15
CA PRO A 240 17.04 13.21 -6.04
C PRO A 240 16.10 13.27 -7.25
N GLU A 241 15.62 12.11 -7.68
CA GLU A 241 14.81 11.99 -8.90
CA GLU A 241 14.81 11.99 -8.90
C GLU A 241 13.60 12.92 -8.84
N ILE A 242 12.95 12.98 -7.68
CA ILE A 242 11.75 13.76 -7.46
C ILE A 242 11.89 15.23 -7.86
N LEU A 243 13.11 15.79 -7.73
CA LEU A 243 13.38 17.16 -8.13
C LEU A 243 13.42 17.34 -9.65
N LEU A 244 13.62 16.27 -10.41
CA LEU A 244 13.53 16.36 -11.87
C LEU A 244 12.09 16.59 -12.29
N THR A 245 11.18 15.95 -11.56
CA THR A 245 9.75 15.98 -11.84
C THR A 245 9.06 17.18 -11.19
N HIS A 246 9.46 17.49 -9.96
CA HIS A 246 8.92 18.60 -9.17
C HIS A 246 10.05 19.55 -8.79
N PRO A 247 10.41 20.48 -9.70
CA PRO A 247 11.61 21.29 -9.46
C PRO A 247 11.54 22.07 -8.16
N LEU A 248 12.69 22.19 -7.51
CA LEU A 248 12.81 22.82 -6.21
C LEU A 248 13.87 23.91 -6.23
N PRO A 249 13.54 25.06 -6.85
CA PRO A 249 14.40 26.23 -6.73
C PRO A 249 14.32 26.79 -5.30
N GLU A 250 15.27 27.64 -4.94
CA GLU A 250 15.31 28.20 -3.59
C GLU A 250 14.03 28.98 -3.24
N SER A 251 13.50 29.73 -4.20
CA SER A 251 12.28 30.52 -4.01
C SER A 251 11.10 29.67 -3.56
N ARG A 252 11.08 28.41 -3.99
CA ARG A 252 10.04 27.48 -3.60
C ARG A 252 10.17 27.06 -2.14
N LEU A 253 11.40 26.78 -1.71
CA LEU A 253 11.64 26.48 -0.28
C LEU A 253 11.28 27.68 0.59
N ALA A 254 11.67 28.87 0.15
CA ALA A 254 11.43 30.10 0.90
C ALA A 254 9.92 30.36 1.04
N ASP A 255 9.18 30.18 -0.05
CA ASP A 255 7.74 30.34 -0.01
C ASP A 255 7.10 29.37 0.98
N ALA A 256 7.53 28.11 0.94
CA ALA A 256 6.98 27.09 1.82
C ALA A 256 7.28 27.36 3.30
N ARG A 257 8.51 27.77 3.61
CA ARG A 257 8.87 28.22 4.97
C ARG A 257 7.94 29.32 5.43
N ASN A 258 7.72 30.30 4.58
CA ASN A 258 6.87 31.43 4.93
C ASN A 258 5.44 31.02 5.26
N ARG A 259 4.86 30.13 4.46
CA ARG A 259 3.48 29.66 4.65
C ARG A 259 3.36 28.94 5.99
N ALA A 260 4.31 28.04 6.26
CA ALA A 260 4.34 27.29 7.50
C ALA A 260 4.53 28.20 8.71
N ASN A 261 5.44 29.17 8.59
CA ASN A 261 5.68 30.18 9.62
C ASN A 261 4.46 31.02 9.96
N GLN A 262 3.62 31.28 8.96
CA GLN A 262 2.41 32.08 9.17
C GLN A 262 1.30 31.33 9.88
N MET A 263 1.33 30.00 9.83
CA MET A 263 0.34 29.18 10.55
C MET A 263 0.78 28.99 12.00
N ARG A 264 -0.16 28.70 12.89
CA ARG A 264 0.17 28.56 14.31
C ARG A 264 0.98 27.30 14.56
N PRO A 265 1.89 27.32 15.56
CA PRO A 265 2.64 26.11 15.88
C PRO A 265 1.70 24.94 16.16
N MET A 266 2.04 23.78 15.60
CA MET A 266 1.22 22.58 15.73
C MET A 266 2.16 21.38 15.75
N VAL A 267 2.77 21.13 16.91
CA VAL A 267 3.67 20.00 17.10
C VAL A 267 2.81 18.76 17.31
N VAL A 268 3.12 17.71 16.55
CA VAL A 268 2.25 16.57 16.42
C VAL A 268 3.11 15.32 16.59
N GLN A 269 2.52 14.25 17.12
CA GLN A 269 3.20 12.97 17.23
C GLN A 269 2.83 12.04 16.09
N SER A 270 3.82 11.43 15.45
CA SER A 270 3.56 10.38 14.46
C SER A 270 2.85 9.20 15.10
N SER A 271 1.88 8.64 14.38
CA SER A 271 1.22 7.42 14.82
C SER A 271 2.23 6.28 14.84
N GLU A 272 2.02 5.35 15.75
CA GLU A 272 2.83 4.14 15.79
C GLU A 272 2.85 3.44 14.43
N ASP A 273 1.71 3.44 13.75
CA ASP A 273 1.60 2.85 12.41
C ASP A 273 2.60 3.41 11.40
N PHE A 274 2.93 4.70 11.50
CA PHE A 274 3.93 5.29 10.64
C PHE A 274 5.26 4.57 10.80
N TYR A 275 5.71 4.44 12.04
CA TYR A 275 7.00 3.82 12.31
C TYR A 275 7.03 2.32 11.97
N LEU A 276 5.93 1.61 12.23
CA LEU A 276 5.84 0.22 11.87
C LEU A 276 5.85 0.04 10.35
N ALA A 277 5.11 0.89 9.64
CA ALA A 277 5.10 0.87 8.18
C ALA A 277 6.50 1.14 7.62
N LYS A 278 7.18 2.12 8.20
CA LYS A 278 8.54 2.43 7.78
C LYS A 278 9.47 1.26 8.03
N ALA A 279 9.34 0.62 9.19
CA ALA A 279 10.15 -0.55 9.53
C ALA A 279 9.90 -1.69 8.56
N ARG A 280 8.63 -1.92 8.27
CA ARG A 280 8.26 -3.00 7.41
C ARG A 280 8.73 -2.74 5.99
N THR A 281 8.59 -1.51 5.53
CA THR A 281 8.96 -1.17 4.18
C THR A 281 10.46 -1.35 3.97
N LEU A 282 11.26 -0.75 4.86
CA LEU A 282 12.70 -0.79 4.69
C LEU A 282 13.29 -2.15 5.03
N GLY A 283 12.59 -2.94 5.83
CA GLY A 283 13.08 -4.22 6.34
C GLY A 283 12.65 -5.41 5.50
N MET A 284 11.41 -5.39 5.02
CA MET A 284 10.90 -6.48 4.17
C MET A 284 11.05 -6.19 2.68
N TYR A 285 10.94 -4.92 2.29
CA TYR A 285 11.10 -4.54 0.88
C TYR A 285 12.39 -3.76 0.67
N ASN A 286 13.47 -4.28 1.22
CA ASN A 286 14.74 -3.61 1.12
C ASN A 286 15.28 -3.78 -0.29
N SER A 287 15.95 -2.75 -0.76
CA SER A 287 16.48 -2.71 -2.12
C SER A 287 17.42 -1.51 -2.22
N GLY A 288 18.65 -1.77 -2.61
CA GLY A 288 19.64 -0.72 -2.78
C GLY A 288 19.77 0.10 -1.53
N ARG A 289 19.50 1.40 -1.64
CA ARG A 289 19.64 2.30 -0.51
C ARG A 289 18.44 2.28 0.47
N ASN A 290 17.37 1.55 0.13
CA ASN A 290 16.31 1.27 1.09
C ASN A 290 16.69 0.07 1.96
N GLN A 291 17.22 0.35 3.15
CA GLN A 291 17.60 -0.70 4.11
C GLN A 291 17.17 -0.28 5.51
N LEU A 292 16.83 -1.26 6.34
CA LEU A 292 16.57 -1.04 7.75
C LEU A 292 17.89 -1.22 8.51
N THR A 293 18.67 -0.16 8.62
CA THR A 293 20.02 -0.27 9.16
C THR A 293 20.01 -0.27 10.67
N SER A 294 21.07 -0.79 11.24
CA SER A 294 21.25 -0.83 12.68
C SER A 294 21.27 0.57 13.28
N ASP A 295 21.78 1.53 12.53
CA ASP A 295 21.80 2.92 12.98
C ASP A 295 20.39 3.50 13.15
N LEU A 296 19.49 3.18 12.23
CA LEU A 296 18.10 3.65 12.37
C LEU A 296 17.42 2.99 13.56
N LEU A 297 17.65 1.70 13.73
CA LEU A 297 17.07 0.95 14.84
C LEU A 297 17.59 1.45 16.19
N ASP A 298 18.89 1.72 16.29
CA ASP A 298 19.48 2.25 17.52
C ASP A 298 18.99 3.66 17.86
N GLU A 299 18.81 4.51 16.84
CA GLU A 299 18.22 5.84 17.05
C GLU A 299 16.79 5.75 17.58
N TRP A 300 15.98 4.90 16.96
CA TRP A 300 14.62 4.66 17.43
C TRP A 300 14.58 4.09 18.85
N ALA A 301 15.49 3.16 19.13
CA ALA A 301 15.50 2.44 20.40
C ALA A 301 15.77 3.37 21.58
N LYS A 302 16.32 4.56 21.29
CA LYS A 302 16.49 5.60 22.29
C LYS A 302 15.61 6.81 21.98
N GLY A 303 14.48 6.56 21.31
CA GLY A 303 13.53 7.62 20.96
C GLY A 303 12.33 7.56 21.87
N ASN A 304 11.18 8.00 21.37
CA ASN A 304 9.94 7.90 22.11
C ASN A 304 9.45 6.45 22.12
N VAL A 305 8.40 6.18 22.87
CA VAL A 305 7.92 4.82 23.06
C VAL A 305 7.47 4.20 21.74
N ARG A 306 6.80 4.97 20.89
CA ARG A 306 6.36 4.47 19.59
C ARG A 306 7.56 4.08 18.72
N GLN A 307 8.62 4.87 18.77
CA GLN A 307 9.85 4.53 18.06
C GLN A 307 10.52 3.29 18.65
N GLN A 308 10.57 3.19 19.98
CA GLN A 308 11.16 2.04 20.67
C GLN A 308 10.51 0.74 20.21
N ARG A 309 9.18 0.72 20.22
CA ARG A 309 8.44 -0.46 19.83
C ARG A 309 8.62 -0.81 18.36
N ALA A 310 8.65 0.20 17.49
CA ALA A 310 8.86 -0.04 16.07
C ALA A 310 10.25 -0.60 15.79
N ALA A 311 11.26 -0.16 16.54
CA ALA A 311 12.60 -0.75 16.44
C ALA A 311 12.59 -2.24 16.78
N GLN A 312 11.96 -2.57 17.91
CA GLN A 312 11.85 -3.94 18.37
C GLN A 312 11.11 -4.77 17.31
N TYR A 313 10.04 -4.21 16.76
CA TYR A 313 9.31 -4.87 15.67
C TYR A 313 10.25 -5.10 14.48
N GLY A 314 11.02 -4.08 14.14
CA GLY A 314 12.04 -4.16 13.10
C GLY A 314 13.05 -5.28 13.34
N ARG A 315 13.52 -5.43 14.58
CA ARG A 315 14.46 -6.50 14.92
CA ARG A 315 14.46 -6.50 14.89
C ARG A 315 13.80 -7.88 14.78
N ALA A 316 12.53 -7.98 15.16
CA ALA A 316 11.80 -9.24 15.05
C ALA A 316 11.61 -9.64 13.60
N LEU A 317 11.16 -8.67 12.80
CA LEU A 317 11.03 -8.85 11.36
C LEU A 317 12.32 -9.33 10.67
N GLN A 318 13.46 -8.70 10.98
CA GLN A 318 14.73 -9.11 10.39
C GLN A 318 15.21 -10.50 10.85
N ALA A 319 14.97 -10.84 12.12
CA ALA A 319 15.26 -12.19 12.60
C ALA A 319 14.41 -13.20 11.82
N MET A 320 13.15 -12.87 11.61
CA MET A 320 12.22 -13.74 10.89
C MET A 320 12.75 -14.04 9.48
N GLU A 321 13.28 -13.01 8.82
CA GLU A 321 13.75 -13.11 7.44
C GLU A 321 15.11 -13.82 7.32
N ALA A 322 15.86 -13.88 8.42
CA ALA A 322 17.13 -14.62 8.45
C ALA A 322 16.98 -16.04 9.00
N ASN A 323 15.74 -16.55 9.02
CA ASN A 323 15.43 -17.90 9.54
C ASN A 323 15.69 -18.10 11.04
N LYS A 324 15.74 -17.00 11.79
CA LYS A 324 15.91 -17.08 13.24
C LYS A 324 14.53 -16.93 13.88
N TYR A 325 13.72 -17.98 13.76
CA TYR A 325 12.31 -17.91 14.20
C TYR A 325 12.14 -17.88 15.72
N ASP A 326 12.97 -18.60 16.45
CA ASP A 326 12.94 -18.55 17.92
C ASP A 326 13.25 -17.14 18.42
N GLU A 327 14.33 -16.57 17.91
CA GLU A 327 14.72 -15.19 18.21
C GLU A 327 13.60 -14.21 17.84
N ALA A 328 12.95 -14.45 16.71
CA ALA A 328 11.85 -13.61 16.25
C ALA A 328 10.65 -13.67 17.19
N ARG A 329 10.24 -14.87 17.56
CA ARG A 329 9.16 -15.05 18.55
C ARG A 329 9.48 -14.33 19.85
N LYS A 330 10.71 -14.46 20.33
CA LYS A 330 11.10 -13.91 21.62
C LYS A 330 11.08 -12.38 21.58
N THR A 331 11.62 -11.81 20.51
CA THR A 331 11.63 -10.37 20.28
C THR A 331 10.20 -9.81 20.15
N LEU A 332 9.33 -10.57 19.50
CA LEU A 332 7.94 -10.16 19.29
C LEU A 332 7.11 -10.28 20.58
N GLN A 333 7.45 -11.23 21.43
CA GLN A 333 6.63 -11.56 22.59
C GLN A 333 6.15 -10.35 23.42
N PRO A 334 7.07 -9.48 23.88
CA PRO A 334 6.63 -8.33 24.68
C PRO A 334 5.79 -7.33 23.91
N LEU A 335 5.98 -7.23 22.60
CA LEU A 335 5.16 -6.33 21.79
C LEU A 335 3.72 -6.81 21.79
N LEU A 336 3.55 -8.10 21.52
CA LEU A 336 2.22 -8.69 21.42
C LEU A 336 1.53 -8.68 22.79
N ALA A 337 2.30 -8.85 23.87
CA ALA A 337 1.74 -8.77 25.22
C ALA A 337 1.19 -7.38 25.55
N ALA A 338 1.93 -6.33 25.16
CA ALA A 338 1.51 -4.96 25.45
C ALA A 338 0.35 -4.49 24.56
N GLU A 339 0.28 -5.01 23.34
CA GLU A 339 -0.79 -4.66 22.41
C GLU A 339 -1.26 -5.92 21.71
N PRO A 340 -2.03 -6.78 22.42
CA PRO A 340 -2.42 -8.06 21.82
C PRO A 340 -3.35 -7.98 20.60
N GLY A 341 -4.01 -6.85 20.40
CA GLY A 341 -4.86 -6.62 19.22
C GLY A 341 -4.24 -5.73 18.15
N ASN A 342 -2.93 -5.53 18.18
CA ASN A 342 -2.24 -4.80 17.12
C ASN A 342 -2.04 -5.70 15.89
N ALA A 343 -2.59 -5.29 14.75
CA ALA A 343 -2.58 -6.09 13.52
C ALA A 343 -1.18 -6.32 12.94
N TRP A 344 -0.28 -5.35 13.15
CA TRP A 344 1.11 -5.53 12.72
C TRP A 344 1.75 -6.68 13.48
N TYR A 345 1.49 -6.76 14.78
CA TYR A 345 2.08 -7.79 15.62
C TYR A 345 1.42 -9.14 15.38
N LEU A 346 0.11 -9.14 15.14
CA LEU A 346 -0.61 -10.38 14.85
C LEU A 346 -0.17 -10.97 13.51
N ASP A 347 0.00 -10.10 12.52
CA ASP A 347 0.53 -10.47 11.22
C ASP A 347 1.90 -11.16 11.35
N LEU A 348 2.80 -10.57 12.12
CA LEU A 348 4.15 -11.13 12.26
C LEU A 348 4.15 -12.41 13.10
N ALA A 349 3.31 -12.47 14.12
CA ALA A 349 3.21 -13.69 14.93
C ALA A 349 2.69 -14.86 14.07
N THR A 350 1.79 -14.56 13.15
CA THR A 350 1.29 -15.58 12.23
C THR A 350 2.43 -16.14 11.37
N ASP A 351 3.20 -15.24 10.74
CA ASP A 351 4.31 -15.68 9.88
C ASP A 351 5.38 -16.47 10.64
N ILE A 352 5.66 -16.07 11.88
CA ILE A 352 6.60 -16.80 12.72
C ILE A 352 6.08 -18.22 12.99
N ASP A 353 4.82 -18.31 13.40
CA ASP A 353 4.20 -19.61 13.65
C ASP A 353 4.17 -20.49 12.42
N LEU A 354 3.75 -19.95 11.29
CA LEU A 354 3.69 -20.71 10.04
C LEU A 354 5.07 -21.21 9.61
N GLY A 355 6.09 -20.37 9.78
CA GLY A 355 7.46 -20.75 9.46
C GLY A 355 7.98 -21.93 10.25
N GLN A 356 7.38 -22.20 11.40
CA GLN A 356 7.74 -23.37 12.21
C GLN A 356 6.62 -24.40 12.30
N ASN A 357 5.74 -24.44 11.30
CA ASN A 357 4.61 -25.38 11.26
C ASN A 357 3.79 -25.42 12.54
N LYS A 358 3.36 -24.24 12.98
CA LYS A 358 2.49 -24.13 14.13
C LYS A 358 1.19 -23.47 13.67
N ALA A 359 0.62 -24.02 12.60
CA ALA A 359 -0.58 -23.47 11.98
C ALA A 359 -1.74 -23.32 12.97
N ASN A 360 -1.93 -24.31 13.84
CA ASN A 360 -3.03 -24.28 14.81
C ASN A 360 -2.92 -23.15 15.83
N GLU A 361 -1.70 -22.90 16.32
CA GLU A 361 -1.46 -21.80 17.25
C GLU A 361 -1.80 -20.48 16.57
N ALA A 362 -1.38 -20.34 15.32
CA ALA A 362 -1.61 -19.12 14.56
C ALA A 362 -3.11 -18.90 14.31
N ILE A 363 -3.81 -19.97 13.92
CA ILE A 363 -5.27 -19.91 13.70
C ILE A 363 -6.00 -19.49 14.97
N ASN A 364 -5.69 -20.15 16.07
CA ASN A 364 -6.33 -19.86 17.36
C ASN A 364 -6.12 -18.42 17.80
N ARG A 365 -4.89 -17.92 17.66
CA ARG A 365 -4.60 -16.53 17.99
C ARG A 365 -5.50 -15.57 17.17
N LEU A 366 -5.59 -15.82 15.87
CA LEU A 366 -6.37 -14.96 14.98
C LEU A 366 -7.88 -15.09 15.21
N LYS A 367 -8.36 -16.28 15.48
CA LYS A 367 -9.78 -16.45 15.81
C LYS A 367 -10.19 -15.67 17.06
N ASN A 368 -9.25 -15.45 17.99
CA ASN A 368 -9.52 -14.64 19.18
C ASN A 368 -9.37 -13.13 19.00
N ALA A 369 -8.94 -12.68 17.84
CA ALA A 369 -8.71 -11.25 17.61
C ALA A 369 -10.03 -10.51 17.50
N ARG A 370 -10.14 -9.39 18.22
CA ARG A 370 -11.39 -8.65 18.32
C ARG A 370 -11.89 -8.07 16.99
N ASP A 371 -10.96 -7.60 16.15
CA ASP A 371 -11.31 -6.96 14.88
C ASP A 371 -11.20 -7.89 13.68
N LEU A 372 -11.21 -9.20 13.93
CA LEU A 372 -11.10 -10.19 12.86
C LEU A 372 -12.13 -9.97 11.75
N ARG A 373 -13.35 -9.61 12.13
CA ARG A 373 -14.48 -9.51 11.20
C ARG A 373 -14.42 -8.27 10.29
N THR A 374 -13.64 -7.27 10.69
CA THR A 374 -13.60 -6.00 9.96
C THR A 374 -12.22 -5.62 9.38
N ASN A 375 -11.15 -6.25 9.87
CA ASN A 375 -9.80 -5.94 9.40
C ASN A 375 -9.34 -6.93 8.34
N PRO A 376 -9.25 -6.49 7.06
CA PRO A 376 -8.87 -7.38 5.96
C PRO A 376 -7.49 -8.04 6.13
N VAL A 377 -6.57 -7.35 6.80
CA VAL A 377 -5.25 -7.93 7.12
C VAL A 377 -5.39 -9.20 7.98
N LEU A 378 -6.25 -9.17 8.99
CA LEU A 378 -6.43 -10.34 9.84
C LEU A 378 -7.17 -11.48 9.13
N GLN A 379 -8.05 -11.12 8.19
CA GLN A 379 -8.79 -12.10 7.41
C GLN A 379 -7.88 -12.87 6.47
N LEU A 380 -7.00 -12.15 5.78
CA LEU A 380 -6.05 -12.79 4.90
C LEU A 380 -5.05 -13.62 5.69
N ASN A 381 -4.56 -13.11 6.81
CA ASN A 381 -3.65 -13.91 7.63
C ASN A 381 -4.31 -15.24 8.07
N LEU A 382 -5.58 -15.18 8.45
CA LEU A 382 -6.29 -16.37 8.89
C LEU A 382 -6.46 -17.36 7.75
N ALA A 383 -6.82 -16.85 6.57
CA ALA A 383 -6.97 -17.70 5.38
C ALA A 383 -5.66 -18.41 5.05
N ASN A 384 -4.57 -17.65 5.12
CA ASN A 384 -3.23 -18.19 4.82
C ASN A 384 -2.86 -19.29 5.82
N ALA A 385 -3.18 -19.08 7.09
CA ALA A 385 -2.90 -20.06 8.14
C ALA A 385 -3.72 -21.34 7.98
N TYR A 386 -5.02 -21.18 7.67
CA TYR A 386 -5.87 -22.31 7.30
C TYR A 386 -5.29 -23.13 6.14
N LEU A 387 -4.81 -22.45 5.10
CA LEU A 387 -4.17 -23.13 3.96
C LEU A 387 -2.94 -23.90 4.39
N GLN A 388 -2.03 -23.23 5.09
CA GLN A 388 -0.81 -23.86 5.59
C GLN A 388 -1.13 -25.01 6.53
N GLY A 389 -2.21 -24.88 7.30
CA GLY A 389 -2.68 -25.94 8.19
C GLY A 389 -3.54 -27.00 7.53
N GLY A 390 -3.59 -27.02 6.21
CA GLY A 390 -4.34 -28.06 5.49
C GLY A 390 -5.84 -28.05 5.74
N GLN A 391 -6.42 -26.86 5.92
CA GLN A 391 -7.87 -26.70 6.02
C GLN A 391 -8.34 -25.77 4.90
N PRO A 392 -8.24 -26.22 3.64
CA PRO A 392 -8.52 -25.32 2.51
C PRO A 392 -9.97 -24.87 2.40
N GLN A 393 -10.91 -25.66 2.91
CA GLN A 393 -12.32 -25.28 2.87
C GLN A 393 -12.59 -24.08 3.78
N GLU A 394 -12.01 -24.12 4.98
CA GLU A 394 -12.10 -22.97 5.89
C GLU A 394 -11.48 -21.72 5.26
N ALA A 395 -10.37 -21.88 4.54
CA ALA A 395 -9.77 -20.76 3.83
C ALA A 395 -10.71 -20.21 2.74
N ALA A 396 -11.28 -21.11 1.94
CA ALA A 396 -12.23 -20.71 0.90
C ALA A 396 -13.45 -19.98 1.45
N ASN A 397 -13.93 -20.42 2.61
CA ASN A 397 -15.07 -19.76 3.25
C ASN A 397 -14.79 -18.28 3.49
N ILE A 398 -13.59 -18.00 3.98
CA ILE A 398 -13.13 -16.63 4.20
C ILE A 398 -12.94 -15.91 2.87
N LEU A 399 -12.27 -16.56 1.93
CA LEU A 399 -11.82 -15.90 0.71
C LEU A 399 -12.90 -15.63 -0.35
N ASN A 400 -13.93 -16.46 -0.42
CA ASN A 400 -15.08 -16.16 -1.30
C ASN A 400 -15.69 -14.81 -0.92
N ARG A 401 -15.95 -14.63 0.37
CA ARG A 401 -16.46 -13.38 0.91
C ARG A 401 -15.48 -12.22 0.76
N TYR A 402 -14.21 -12.46 1.06
CA TYR A 402 -13.17 -11.44 0.99
C TYR A 402 -13.01 -10.89 -0.41
N THR A 403 -12.93 -11.79 -1.40
CA THR A 403 -12.77 -11.37 -2.80
C THR A 403 -14.00 -10.60 -3.29
N PHE A 404 -15.18 -11.01 -2.83
CA PHE A 404 -16.43 -10.31 -3.18
C PHE A 404 -16.44 -8.87 -2.70
N ASN A 405 -15.92 -8.65 -1.49
CA ASN A 405 -15.89 -7.33 -0.85
C ASN A 405 -14.62 -6.52 -1.12
N ASN A 406 -13.58 -7.15 -1.67
CA ASN A 406 -12.30 -6.48 -1.97
C ASN A 406 -11.84 -6.89 -3.37
N LYS A 407 -12.65 -6.55 -4.37
CA LYS A 407 -12.42 -7.10 -5.70
C LYS A 407 -11.14 -6.66 -6.41
N ASP A 408 -10.51 -5.57 -5.97
CA ASP A 408 -9.27 -5.09 -6.59
C ASP A 408 -8.03 -5.54 -5.82
N ASP A 409 -8.22 -6.43 -4.85
CA ASP A 409 -7.13 -6.93 -4.04
C ASP A 409 -6.62 -8.24 -4.63
N SER A 410 -5.43 -8.20 -5.22
CA SER A 410 -4.86 -9.36 -5.90
C SER A 410 -4.37 -10.45 -4.94
N ASN A 411 -4.12 -10.11 -3.68
CA ASN A 411 -3.84 -11.11 -2.66
C ASN A 411 -5.02 -12.06 -2.42
N GLY A 412 -6.22 -11.49 -2.33
CA GLY A 412 -7.42 -12.28 -2.11
C GLY A 412 -7.64 -13.31 -3.20
N TRP A 413 -7.56 -12.88 -4.45
CA TRP A 413 -7.76 -13.77 -5.60
C TRP A 413 -6.67 -14.87 -5.69
N ASP A 414 -5.43 -14.51 -5.37
CA ASP A 414 -4.35 -15.48 -5.39
C ASP A 414 -4.54 -16.58 -4.34
N LEU A 415 -4.82 -16.19 -3.11
CA LEU A 415 -5.11 -17.17 -2.04
C LEU A 415 -6.39 -17.95 -2.34
N LEU A 416 -7.40 -17.31 -2.92
CA LEU A 416 -8.62 -18.07 -3.33
C LEU A 416 -8.25 -19.17 -4.32
N ALA A 417 -7.42 -18.85 -5.28
CA ALA A 417 -6.95 -19.82 -6.27
C ALA A 417 -6.24 -21.00 -5.61
N GLN A 418 -5.39 -20.70 -4.63
CA GLN A 418 -4.66 -21.74 -3.91
C GLN A 418 -5.60 -22.63 -3.14
N ALA A 419 -6.59 -22.05 -2.46
CA ALA A 419 -7.55 -22.85 -1.68
C ALA A 419 -8.36 -23.78 -2.58
N GLU A 420 -8.86 -23.25 -3.69
CA GLU A 420 -9.68 -24.02 -4.61
C GLU A 420 -8.86 -25.12 -5.29
N ALA A 421 -7.59 -24.83 -5.58
CA ALA A 421 -6.67 -25.83 -6.10
C ALA A 421 -6.55 -26.99 -5.13
N ALA A 422 -6.40 -26.67 -3.84
CA ALA A 422 -6.23 -27.68 -2.79
C ALA A 422 -7.52 -28.47 -2.51
N LEU A 423 -8.66 -27.93 -2.90
CA LEU A 423 -9.93 -28.67 -2.88
C LEU A 423 -10.18 -29.44 -4.17
N ASN A 424 -9.28 -29.28 -5.14
CA ASN A 424 -9.50 -29.78 -6.49
C ASN A 424 -10.81 -29.26 -7.10
N ASN A 425 -11.22 -28.05 -6.71
CA ASN A 425 -12.34 -27.35 -7.34
C ASN A 425 -11.76 -26.53 -8.47
N ARG A 426 -11.53 -27.18 -9.59
CA ARG A 426 -10.65 -26.63 -10.62
C ARG A 426 -11.23 -25.51 -11.48
N ASP A 427 -12.54 -25.54 -11.70
CA ASP A 427 -13.25 -24.42 -12.35
C ASP A 427 -13.19 -23.15 -11.49
N GLN A 428 -13.39 -23.31 -10.18
CA GLN A 428 -13.32 -22.17 -9.26
C GLN A 428 -11.91 -21.65 -9.14
N GLU A 429 -10.92 -22.54 -9.21
CA GLU A 429 -9.51 -22.14 -9.25
C GLU A 429 -9.23 -21.32 -10.51
N LEU A 430 -9.60 -21.86 -11.66
CA LEU A 430 -9.40 -21.14 -12.91
C LEU A 430 -10.02 -19.73 -12.87
N ALA A 431 -11.23 -19.64 -12.33
CA ALA A 431 -11.95 -18.35 -12.25
C ALA A 431 -11.25 -17.36 -11.33
N ALA A 432 -10.74 -17.85 -10.21
CA ALA A 432 -9.96 -17.02 -9.30
C ALA A 432 -8.69 -16.48 -9.97
N ARG A 433 -7.96 -17.35 -10.68
CA ARG A 433 -6.77 -16.92 -11.42
C ARG A 433 -7.10 -15.92 -12.52
N ALA A 434 -8.21 -16.15 -13.23
CA ALA A 434 -8.68 -15.21 -14.25
C ALA A 434 -8.77 -13.78 -13.71
N GLU A 435 -9.32 -13.64 -12.51
CA GLU A 435 -9.51 -12.33 -11.90
C GLU A 435 -8.15 -11.71 -11.56
N GLY A 436 -7.20 -12.55 -11.16
CA GLY A 436 -5.83 -12.09 -10.95
C GLY A 436 -5.26 -11.51 -12.22
N TYR A 437 -5.40 -12.23 -13.33
CA TYR A 437 -4.93 -11.73 -14.63
C TYR A 437 -5.66 -10.47 -15.11
N ALA A 438 -6.98 -10.40 -14.90
CA ALA A 438 -7.75 -9.23 -15.32
C ALA A 438 -7.31 -7.96 -14.58
N LEU A 439 -7.02 -8.08 -13.28
CA LEU A 439 -6.52 -6.93 -12.52
C LEU A 439 -5.18 -6.39 -13.03
N ALA A 440 -4.38 -7.26 -13.65
CA ALA A 440 -3.09 -6.89 -14.22
C ALA A 440 -3.17 -6.55 -15.71
N GLY A 441 -4.38 -6.35 -16.22
CA GLY A 441 -4.56 -5.95 -17.61
C GLY A 441 -4.37 -7.05 -18.66
N ARG A 442 -4.13 -8.28 -18.22
CA ARG A 442 -3.94 -9.39 -19.14
C ARG A 442 -5.29 -10.04 -19.43
N LEU A 443 -6.09 -9.36 -20.24
CA LEU A 443 -7.48 -9.72 -20.45
C LEU A 443 -7.67 -10.96 -21.31
N ASP A 444 -6.79 -11.13 -22.30
CA ASP A 444 -6.78 -12.35 -23.13
C ASP A 444 -6.67 -13.59 -22.26
N GLN A 445 -5.69 -13.58 -21.36
CA GLN A 445 -5.45 -14.72 -20.47
C GLN A 445 -6.59 -14.94 -19.51
N ALA A 446 -7.15 -13.85 -18.97
CA ALA A 446 -8.32 -13.94 -18.10
C ALA A 446 -9.49 -14.63 -18.80
N ILE A 447 -9.73 -14.29 -20.06
CA ILE A 447 -10.85 -14.83 -20.83
C ILE A 447 -10.63 -16.30 -21.17
N SER A 448 -9.41 -16.63 -21.57
CA SER A 448 -9.01 -18.01 -21.81
C SER A 448 -9.31 -18.91 -20.60
N LEU A 449 -8.86 -18.49 -19.42
CA LEU A 449 -9.06 -19.26 -18.20
C LEU A 449 -10.54 -19.42 -17.83
N LEU A 450 -11.31 -18.33 -17.92
CA LEU A 450 -12.75 -18.40 -17.64
C LEU A 450 -13.46 -19.29 -18.63
N SER A 451 -12.99 -19.30 -19.88
CA SER A 451 -13.59 -20.15 -20.90
C SER A 451 -13.34 -21.62 -20.60
N SER A 452 -12.14 -21.96 -20.13
CA SER A 452 -11.87 -23.31 -19.64
C SER A 452 -12.83 -23.66 -18.50
N ALA A 453 -12.88 -22.80 -17.48
CA ALA A 453 -13.79 -23.03 -16.35
C ALA A 453 -15.23 -23.31 -16.81
N SER A 454 -15.73 -22.49 -17.75
CA SER A 454 -17.09 -22.65 -18.26
C SER A 454 -17.31 -23.97 -19.01
N SER A 455 -16.32 -24.37 -19.82
CA SER A 455 -16.42 -25.58 -20.63
C SER A 455 -16.51 -26.85 -19.80
N GLN A 456 -15.85 -26.86 -18.64
CA GLN A 456 -15.85 -28.05 -17.77
C GLN A 456 -16.71 -27.87 -16.52
N VAL A 457 -17.85 -27.20 -16.71
CA VAL A 457 -18.86 -27.01 -15.68
C VAL A 457 -20.21 -27.42 -16.31
N LYS A 458 -21.19 -27.77 -15.48
CA LYS A 458 -22.49 -28.27 -15.95
C LYS A 458 -23.22 -27.28 -16.88
N LEU A 459 -23.63 -27.79 -18.04
CA LEU A 459 -24.31 -26.98 -19.07
C LEU A 459 -25.61 -26.40 -18.51
N GLY A 460 -25.77 -25.09 -18.65
CA GLY A 460 -26.96 -24.40 -18.15
C GLY A 460 -27.06 -24.37 -16.63
N SER A 461 -25.92 -24.41 -15.94
CA SER A 461 -25.91 -24.26 -14.49
C SER A 461 -25.77 -22.79 -14.14
N LEU A 462 -26.11 -22.45 -12.89
CA LEU A 462 -26.01 -21.07 -12.41
C LEU A 462 -24.55 -20.62 -12.46
N GLN A 463 -23.65 -21.50 -12.04
CA GLN A 463 -22.21 -21.28 -12.10
C GLN A 463 -21.71 -20.97 -13.51
N GLN A 464 -22.12 -21.78 -14.48
CA GLN A 464 -21.74 -21.55 -15.87
C GLN A 464 -22.22 -20.20 -16.38
N ALA A 465 -23.46 -19.83 -16.02
CA ALA A 465 -24.01 -18.52 -16.38
C ALA A 465 -23.17 -17.38 -15.80
N ARG A 466 -22.70 -17.54 -14.57
CA ARG A 466 -21.83 -16.54 -13.93
C ARG A 466 -20.50 -16.36 -14.66
N TYR A 467 -19.91 -17.47 -15.12
CA TYR A 467 -18.64 -17.40 -15.87
C TYR A 467 -18.85 -16.77 -17.24
N ASP A 468 -19.89 -17.20 -17.95
CA ASP A 468 -20.17 -16.65 -19.28
C ASP A 468 -20.45 -15.15 -19.25
N ALA A 469 -21.15 -14.68 -18.22
CA ALA A 469 -21.42 -13.25 -18.05
C ALA A 469 -20.16 -12.46 -17.70
N ARG A 470 -19.24 -13.08 -16.97
CA ARG A 470 -17.97 -12.46 -16.66
C ARG A 470 -17.08 -12.36 -17.90
N ILE A 471 -17.07 -13.40 -18.73
CA ILE A 471 -16.39 -13.37 -20.02
C ILE A 471 -16.92 -12.24 -20.90
N ASP A 472 -18.24 -12.06 -20.91
CA ASP A 472 -18.87 -10.93 -21.63
C ASP A 472 -18.29 -9.60 -21.20
N GLN A 473 -18.24 -9.38 -19.89
CA GLN A 473 -17.76 -8.12 -19.33
C GLN A 473 -16.31 -7.82 -19.70
N LEU A 474 -15.47 -8.85 -19.74
CA LEU A 474 -14.04 -8.72 -20.03
C LEU A 474 -13.78 -8.45 -21.51
N ARG A 475 -14.57 -9.06 -22.38
CA ARG A 475 -14.48 -8.78 -23.81
C ARG A 475 -14.82 -7.31 -24.07
N GLN A 476 -15.89 -6.84 -23.44
CA GLN A 476 -16.34 -5.45 -23.61
C GLN A 476 -15.33 -4.45 -23.06
N LEU A 477 -14.71 -4.79 -21.93
CA LEU A 477 -13.63 -3.98 -21.39
C LEU A 477 -12.45 -3.98 -22.35
N GLN A 478 -12.19 -5.12 -23.00
CA GLN A 478 -11.11 -5.20 -23.98
C GLN A 478 -11.32 -4.24 -25.15
N GLU A 479 -12.58 -4.08 -25.57
CA GLU A 479 -12.93 -3.20 -26.69
C GLU A 479 -12.66 -1.72 -26.40
N ARG A 480 -13.01 -1.28 -25.19
CA ARG A 480 -12.81 0.12 -24.82
C ARG A 480 -11.35 0.49 -24.55
N PHE A 481 -10.53 -0.51 -24.19
CA PHE A 481 -9.08 -0.30 -24.04
C PHE A 481 -8.32 -0.38 -25.39
N LYS A 482 -8.99 -0.88 -26.43
CA LYS A 482 -8.40 -1.01 -27.76
C LYS A 482 -7.64 0.25 -28.23
N PRO A 483 -8.29 1.44 -28.18
CA PRO A 483 -7.59 2.67 -28.59
C PRO A 483 -6.19 2.84 -27.98
N TYR A 484 -5.96 2.27 -26.80
CA TYR A 484 -4.64 2.27 -26.17
C TYR A 484 -3.97 0.90 -26.33
ZN ZN B . 4.91 18.89 -7.75
S SO4 C . -24.77 -21.75 -6.51
O1 SO4 C . -25.60 -20.71 -5.84
O2 SO4 C . -25.34 -23.09 -6.23
O3 SO4 C . -24.79 -21.49 -7.97
O4 SO4 C . -23.40 -21.69 -5.98
#